data_3O2V
#
_entry.id   3O2V
#
_cell.length_a   128.730
_cell.length_b   128.730
_cell.length_c   92.342
_cell.angle_alpha   90.00
_cell.angle_beta   90.00
_cell.angle_gamma   120.00
#
_symmetry.space_group_name_H-M   'P 31 2 1'
#
loop_
_entity.id
_entity.type
_entity.pdbx_description
1 polymer 'Chimeric antibody Fab 1E9, light chain'
2 polymer 'Chimeric antibody Fab 1E9, heavy chain'
3 non-polymer 2-AMINO-2-HYDROXYMETHYL-PROPANE-1,3-DIOL
4 non-polymer 'CITRATE ANION'
5 non-polymer 'SULFATE ION'
6 water water
#
loop_
_entity_poly.entity_id
_entity_poly.type
_entity_poly.pdbx_seq_one_letter_code
_entity_poly.pdbx_strand_id
1 'polypeptide(L)'
;ELVMTQTPLSLPVSLGDQASISCRSSQSLVHSNGNTYLHWYLQKPGQSPKFLIYKVSNRFSGVPDRFSGSGSGTDFILKI
SRVEAEDLGVYFCSQSTHFFPTFGGGTKLEIKRTVAAPSVFIFPPSDEQLKSGTASVVCLLNNFYPREAKVQWKVDNALQ
SGNSQESVTEQDSKDSTYSLSSTLTLSKADYEKHKVYACEVTHQGLSSPVTKSFNRGEC
;
L
2 'polypeptide(L)'
;QVQLVQSGPELKKPGETVKISCKASGYMFTNYGMNWVKQAPGKALKWMGWINPYTGESTFADDFKGRFAFFLETSATTAY
LQINNLKNEDTATYFCARGTTIVRAFDYWGQGTSVTVSSASTKGPSVFPLAPSSKSTSGGTAALGCLVKDYFPEPVTVSW
NSGALTSGVHTFPAVLQSSGLYSLSSVVTVPSSSLGTQTYICNVNHKPSNTKVDKKVEPKSCDKTHT
;
H
#
# COMPACT_ATOMS: atom_id res chain seq x y z
N GLU A 1 -31.36 -3.12 -6.28
CA GLU A 1 -29.88 -3.06 -5.97
C GLU A 1 -29.46 -3.99 -4.81
N LEU A 2 -28.54 -4.91 -5.12
CA LEU A 2 -27.96 -5.84 -4.13
C LEU A 2 -26.85 -5.18 -3.33
N VAL A 3 -27.12 -4.91 -2.06
CA VAL A 3 -26.14 -4.35 -1.15
C VAL A 3 -25.55 -5.46 -0.24
N MET A 4 -24.22 -5.45 -0.09
CA MET A 4 -23.51 -6.32 0.84
C MET A 4 -22.96 -5.39 1.90
N THR A 5 -23.30 -5.63 3.17
CA THR A 5 -22.84 -4.78 4.28
C THR A 5 -22.00 -5.62 5.23
N GLN A 6 -20.79 -5.14 5.51
CA GLN A 6 -19.85 -5.74 6.48
C GLN A 6 -19.87 -4.98 7.79
N THR A 7 -19.86 -5.69 8.90
CA THR A 7 -19.62 -5.05 10.16
C THR A 7 -18.63 -5.90 10.95
N PRO A 8 -17.75 -5.27 11.74
CA PRO A 8 -17.54 -3.84 11.77
C PRO A 8 -16.64 -3.34 10.59
N LEU A 9 -16.45 -2.04 10.54
CA LEU A 9 -15.55 -1.42 9.60
C LEU A 9 -14.08 -1.74 9.95
N SER A 10 -13.75 -1.61 11.23
CA SER A 10 -12.44 -1.94 11.81
C SER A 10 -12.66 -2.87 13.01
N LEU A 11 -11.85 -3.91 13.10
CA LEU A 11 -11.94 -4.89 14.15
C LEU A 11 -10.54 -5.02 14.80
N PRO A 12 -10.34 -4.45 16.02
N PRO A 12 -10.32 -4.39 15.97
CA PRO A 12 -9.11 -4.73 16.76
CA PRO A 12 -9.13 -4.73 16.74
C PRO A 12 -9.22 -6.04 17.55
C PRO A 12 -9.28 -6.14 17.31
N VAL A 13 -8.18 -6.85 17.47
CA VAL A 13 -8.17 -8.20 18.03
C VAL A 13 -6.74 -8.47 18.50
N SER A 14 -6.59 -9.06 19.69
CA SER A 14 -5.29 -9.48 20.19
C SER A 14 -4.87 -10.80 19.57
N LEU A 15 -3.55 -11.00 19.52
CA LEU A 15 -2.95 -12.24 19.04
C LEU A 15 -3.42 -13.38 19.87
N GLY A 16 -3.68 -14.50 19.20
CA GLY A 16 -4.29 -15.66 19.82
C GLY A 16 -5.81 -15.62 20.11
N ASP A 17 -6.46 -14.47 19.92
CA ASP A 17 -7.91 -14.34 20.10
C ASP A 17 -8.66 -14.62 18.78
N GLN A 18 -9.98 -14.68 18.89
CA GLN A 18 -10.85 -14.98 17.79
C GLN A 18 -11.33 -13.67 17.15
N ALA A 19 -11.22 -13.53 15.83
CA ALA A 19 -11.81 -12.38 15.15
C ALA A 19 -13.12 -12.87 14.44
N SER A 20 -14.16 -12.04 14.42
CA SER A 20 -15.43 -12.42 13.82
C SER A 20 -15.96 -11.29 12.94
N ILE A 21 -16.08 -11.54 11.66
CA ILE A 21 -16.47 -10.51 10.70
C ILE A 21 -17.82 -10.91 10.05
N SER A 22 -18.81 -10.03 10.18
CA SER A 22 -20.15 -10.26 9.65
C SER A 22 -20.37 -9.62 8.25
N CYS A 23 -21.05 -10.36 7.39
CA CYS A 23 -21.46 -9.92 6.08
C CYS A 23 -22.96 -10.22 5.89
N ARG A 24 -23.72 -9.19 5.55
CA ARG A 24 -25.19 -9.29 5.34
CA ARG A 24 -25.18 -9.25 5.38
C ARG A 24 -25.56 -8.80 3.97
N SER A 25 -26.28 -9.62 3.21
CA SER A 25 -26.75 -9.17 1.89
C SER A 25 -28.21 -8.76 1.97
N SER A 26 -28.60 -7.89 1.06
CA SER A 26 -29.97 -7.36 1.00
C SER A 26 -30.95 -8.37 0.38
N GLN A 27 -30.42 -9.31 -0.40
CA GLN A 27 -31.16 -10.45 -0.92
C GLN A 27 -30.45 -11.78 -0.65
N SER A 28 -31.21 -12.88 -0.70
CA SER A 28 -30.67 -14.22 -0.45
C SER A 28 -29.63 -14.66 -1.49
N LEU A 29 -28.50 -15.18 -1.02
CA LEU A 29 -27.43 -15.62 -1.90
C LEU A 29 -27.61 -17.10 -2.30
N VAL A 30 -28.73 -17.73 -1.93
CA VAL A 30 -29.05 -19.09 -2.40
C VAL A 30 -29.58 -19.03 -3.82
N HIS A 31 -28.87 -19.70 -4.73
CA HIS A 31 -29.20 -19.63 -6.12
C HIS A 31 -30.30 -20.64 -6.42
N SER A 32 -31.19 -20.33 -7.36
CA SER A 32 -32.24 -21.30 -7.68
C SER A 32 -31.68 -22.71 -7.97
N ASN A 33 -30.45 -22.79 -8.63
CA ASN A 33 -29.76 -24.10 -8.77
C ASN A 33 -29.32 -24.86 -7.46
N GLY A 34 -29.38 -24.19 -6.27
CA GLY A 34 -29.06 -24.87 -4.97
C GLY A 34 -27.82 -24.34 -4.23
N ASN A 35 -26.89 -23.74 -4.96
CA ASN A 35 -25.63 -23.25 -4.40
C ASN A 35 -25.69 -21.87 -3.81
N THR A 36 -24.83 -21.59 -2.82
CA THR A 36 -24.72 -20.25 -2.27
C THR A 36 -23.35 -19.69 -2.61
N TYR A 37 -23.31 -18.74 -3.54
CA TYR A 37 -22.04 -18.24 -4.06
C TYR A 37 -21.54 -16.99 -3.28
N LEU A 38 -21.17 -17.23 -2.04
CA LEU A 38 -20.64 -16.21 -1.14
C LEU A 38 -19.18 -16.57 -0.86
N HIS A 39 -18.29 -15.62 -1.16
CA HIS A 39 -16.83 -15.80 -1.06
C HIS A 39 -16.18 -14.70 -0.22
N TRP A 40 -14.93 -14.98 0.16
CA TRP A 40 -14.11 -14.08 0.99
C TRP A 40 -12.73 -13.96 0.37
N TYR A 41 -12.30 -12.71 0.29
CA TYR A 41 -10.97 -12.29 -0.14
C TYR A 41 -10.27 -11.50 0.98
N LEU A 42 -8.94 -11.55 0.96
CA LEU A 42 -8.07 -10.79 1.88
C LEU A 42 -7.15 -9.89 1.05
N GLN A 43 -7.18 -8.59 1.33
CA GLN A 43 -6.25 -7.67 0.70
C GLN A 43 -5.35 -7.07 1.76
N LYS A 44 -4.08 -7.45 1.74
CA LYS A 44 -3.06 -6.88 2.66
C LYS A 44 -2.55 -5.61 2.06
N PRO A 45 -1.95 -4.76 2.91
CA PRO A 45 -1.32 -3.50 2.52
C PRO A 45 -0.49 -3.50 1.26
N GLY A 46 -0.83 -2.58 0.34
CA GLY A 46 -0.14 -2.46 -0.95
C GLY A 46 -0.36 -3.56 -1.99
N GLN A 47 -1.09 -4.63 -1.62
CA GLN A 47 -1.14 -5.89 -2.41
C GLN A 47 -2.48 -6.09 -3.12
N SER A 48 -2.51 -7.06 -4.02
CA SER A 48 -3.76 -7.48 -4.64
C SER A 48 -4.50 -8.39 -3.69
N PRO A 49 -5.83 -8.44 -3.83
CA PRO A 49 -6.59 -9.37 -3.04
C PRO A 49 -6.16 -10.83 -3.27
N LYS A 50 -6.39 -11.66 -2.28
CA LYS A 50 -6.13 -13.07 -2.39
C LYS A 50 -7.41 -13.82 -1.98
N PHE A 51 -7.62 -14.91 -2.66
CA PHE A 51 -8.77 -15.76 -2.50
C PHE A 51 -8.62 -16.53 -1.19
N LEU A 52 -9.64 -16.43 -0.33
CA LEU A 52 -9.63 -17.06 0.99
C LEU A 52 -10.63 -18.23 1.13
N ILE A 53 -11.92 -17.94 1.05
CA ILE A 53 -12.98 -18.88 1.29
C ILE A 53 -13.92 -18.84 0.09
N TYR A 54 -14.40 -19.99 -0.36
CA TYR A 54 -15.45 -20.04 -1.39
C TYR A 54 -16.65 -20.85 -0.98
N LYS A 55 -17.77 -20.46 -1.57
CA LYS A 55 -19.09 -20.96 -1.20
C LYS A 55 -19.33 -21.20 0.30
N VAL A 56 -19.25 -20.09 1.01
CA VAL A 56 -19.54 -19.98 2.45
C VAL A 56 -18.45 -20.49 3.40
N SER A 57 -18.03 -21.73 3.23
CA SER A 57 -17.29 -22.50 4.22
C SER A 57 -16.09 -23.30 3.70
N ASN A 58 -15.74 -23.11 2.44
CA ASN A 58 -14.69 -23.91 1.82
C ASN A 58 -13.46 -23.05 1.74
N ARG A 59 -12.35 -23.53 2.29
CA ARG A 59 -11.08 -22.82 2.22
C ARG A 59 -10.38 -23.07 0.89
N PHE A 60 -9.84 -22.01 0.32
CA PHE A 60 -9.01 -22.14 -0.85
C PHE A 60 -7.72 -22.86 -0.44
N SER A 61 -7.06 -23.50 -1.39
CA SER A 61 -5.79 -24.17 -1.16
C SER A 61 -4.80 -23.24 -0.52
N GLY A 62 -4.05 -23.74 0.47
CA GLY A 62 -3.04 -22.95 1.18
C GLY A 62 -3.57 -22.09 2.30
N VAL A 63 -4.88 -22.01 2.43
CA VAL A 63 -5.49 -21.19 3.48
C VAL A 63 -5.54 -22.02 4.77
N PRO A 64 -4.94 -21.51 5.87
CA PRO A 64 -4.91 -22.34 7.07
C PRO A 64 -6.31 -22.60 7.68
N ASP A 65 -6.38 -23.69 8.46
CA ASP A 65 -7.66 -24.13 9.03
CA ASP A 65 -7.60 -24.18 9.10
C ASP A 65 -8.21 -23.17 10.12
N ARG A 66 -7.41 -22.22 10.58
CA ARG A 66 -7.92 -21.22 11.52
C ARG A 66 -8.93 -20.24 10.91
N PHE A 67 -9.02 -20.16 9.57
CA PHE A 67 -10.09 -19.40 8.89
C PHE A 67 -11.24 -20.30 8.60
N SER A 68 -12.45 -19.82 8.88
CA SER A 68 -13.66 -20.62 8.76
C SER A 68 -14.88 -19.73 8.53
N GLY A 69 -15.67 -20.01 7.49
CA GLY A 69 -16.86 -19.23 7.19
C GLY A 69 -18.11 -20.01 7.48
N SER A 70 -19.21 -19.32 7.74
CA SER A 70 -20.49 -19.98 8.06
C SER A 70 -21.62 -19.04 7.71
N GLY A 71 -22.84 -19.52 7.85
CA GLY A 71 -24.04 -18.72 7.63
C GLY A 71 -24.78 -19.29 6.46
N SER A 72 -25.99 -18.78 6.21
CA SER A 72 -26.83 -19.19 5.09
C SER A 72 -27.66 -18.01 4.66
N GLY A 73 -28.25 -18.07 3.47
CA GLY A 73 -29.27 -17.09 3.07
C GLY A 73 -28.75 -15.68 2.90
N THR A 74 -28.96 -14.84 3.92
CA THR A 74 -28.54 -13.45 3.88
C THR A 74 -27.40 -13.09 4.83
N ASP A 75 -27.07 -13.95 5.80
CA ASP A 75 -26.14 -13.58 6.89
C ASP A 75 -25.01 -14.56 6.98
N PHE A 76 -23.78 -14.06 6.92
CA PHE A 76 -22.56 -14.87 6.89
C PHE A 76 -21.49 -14.31 7.82
N ILE A 77 -20.57 -15.18 8.21
CA ILE A 77 -19.51 -14.84 9.16
C ILE A 77 -18.23 -15.51 8.72
N LEU A 78 -17.14 -14.76 8.73
CA LEU A 78 -15.81 -15.31 8.68
C LEU A 78 -15.25 -15.22 10.10
N LYS A 79 -14.74 -16.36 10.57
CA LYS A 79 -14.03 -16.48 11.85
C LYS A 79 -12.57 -16.84 11.65
N ILE A 80 -11.73 -16.03 12.28
CA ILE A 80 -10.30 -16.27 12.32
C ILE A 80 -10.06 -16.61 13.78
N SER A 81 -9.79 -17.88 14.04
CA SER A 81 -9.45 -18.32 15.36
CA SER A 81 -9.45 -18.28 15.37
C SER A 81 -7.95 -18.06 15.54
N ARG A 82 -7.52 -17.94 16.78
CA ARG A 82 -6.10 -17.80 17.07
C ARG A 82 -5.44 -16.88 16.07
N VAL A 83 -5.84 -15.61 16.11
CA VAL A 83 -5.27 -14.60 15.23
C VAL A 83 -3.73 -14.47 15.36
N GLU A 84 -3.08 -14.34 14.21
CA GLU A 84 -1.62 -14.13 14.07
C GLU A 84 -1.36 -12.81 13.39
N ALA A 85 -0.13 -12.33 13.53
CA ALA A 85 0.25 -10.99 13.01
C ALA A 85 0.16 -10.89 11.53
N GLU A 86 0.27 -12.02 10.85
CA GLU A 86 0.22 -12.05 9.37
CA GLU A 86 0.24 -12.02 9.39
C GLU A 86 -1.18 -11.98 8.85
N ASP A 87 -2.17 -12.04 9.73
CA ASP A 87 -3.60 -12.01 9.31
C ASP A 87 -4.19 -10.59 9.16
N LEU A 88 -3.35 -9.60 9.38
CA LEU A 88 -3.64 -8.19 9.18
C LEU A 88 -4.04 -7.90 7.69
N GLY A 89 -5.07 -7.08 7.51
CA GLY A 89 -5.44 -6.53 6.22
C GLY A 89 -6.94 -6.30 6.17
N VAL A 90 -7.44 -6.03 4.98
CA VAL A 90 -8.85 -5.81 4.73
C VAL A 90 -9.50 -7.08 4.21
N TYR A 91 -10.51 -7.56 4.93
CA TYR A 91 -11.29 -8.74 4.49
C TYR A 91 -12.55 -8.26 3.73
N PHE A 92 -12.78 -8.80 2.52
CA PHE A 92 -13.97 -8.51 1.71
C PHE A 92 -14.78 -9.77 1.46
N CYS A 93 -16.09 -9.69 1.68
CA CYS A 93 -17.00 -10.70 1.18
C CYS A 93 -17.47 -10.27 -0.22
N SER A 94 -17.84 -11.28 -1.01
CA SER A 94 -18.27 -11.10 -2.38
C SER A 94 -19.38 -12.06 -2.71
N GLN A 95 -20.29 -11.65 -3.56
CA GLN A 95 -21.34 -12.57 -4.08
C GLN A 95 -21.33 -12.64 -5.60
N SER A 96 -21.58 -13.83 -6.14
CA SER A 96 -21.86 -13.98 -7.58
C SER A 96 -23.01 -14.92 -7.86
N THR A 97 -23.99 -14.96 -6.96
CA THR A 97 -25.27 -15.61 -7.18
C THR A 97 -26.15 -14.79 -8.13
N HIS A 98 -26.19 -13.47 -7.94
CA HIS A 98 -27.00 -12.58 -8.79
C HIS A 98 -26.02 -11.84 -9.66
N PHE A 99 -26.38 -11.62 -10.93
CA PHE A 99 -25.64 -10.68 -11.77
C PHE A 99 -25.97 -9.25 -11.30
N PHE A 100 -24.99 -8.36 -11.15
CA PHE A 100 -23.56 -8.59 -11.36
C PHE A 100 -22.82 -8.91 -10.03
N PRO A 101 -21.65 -9.60 -10.09
CA PRO A 101 -20.83 -9.74 -8.87
C PRO A 101 -20.58 -8.41 -8.08
N THR A 102 -20.69 -8.50 -6.76
CA THR A 102 -20.53 -7.33 -5.89
C THR A 102 -19.68 -7.70 -4.68
N PHE A 103 -19.05 -6.70 -4.09
CA PHE A 103 -18.18 -6.86 -2.93
C PHE A 103 -18.81 -6.10 -1.80
N GLY A 104 -18.62 -6.55 -0.56
CA GLY A 104 -18.86 -5.69 0.61
C GLY A 104 -17.76 -4.65 0.71
N GLY A 105 -17.91 -3.74 1.65
CA GLY A 105 -17.04 -2.58 1.69
C GLY A 105 -15.72 -2.79 2.41
N GLY A 106 -15.55 -3.95 3.03
CA GLY A 106 -14.29 -4.32 3.68
C GLY A 106 -14.30 -4.11 5.17
N THR A 107 -13.62 -5.00 5.89
CA THR A 107 -13.37 -4.88 7.30
C THR A 107 -11.84 -4.94 7.52
N LYS A 108 -11.30 -3.91 8.14
CA LYS A 108 -9.88 -3.86 8.47
C LYS A 108 -9.58 -4.48 9.81
N LEU A 109 -8.85 -5.59 9.78
CA LEU A 109 -8.44 -6.30 10.96
C LEU A 109 -7.18 -5.62 11.47
N GLU A 110 -7.25 -5.11 12.71
CA GLU A 110 -6.10 -4.52 13.37
C GLU A 110 -5.67 -5.38 14.50
N ILE A 111 -4.36 -5.48 14.73
CA ILE A 111 -3.82 -6.29 15.81
C ILE A 111 -3.54 -5.42 17.02
N LYS A 112 -4.08 -5.83 18.17
CA LYS A 112 -3.73 -5.20 19.43
C LYS A 112 -2.53 -5.98 20.03
N ARG A 113 -1.51 -5.27 20.50
CA ARG A 113 -0.33 -5.88 21.16
C ARG A 113 0.09 -4.96 22.28
N THR A 114 1.16 -5.31 23.00
CA THR A 114 1.65 -4.56 24.15
C THR A 114 2.31 -3.28 23.64
N VAL A 115 2.30 -2.26 24.47
CA VAL A 115 3.00 -1.03 24.17
C VAL A 115 4.44 -1.40 23.83
N ALA A 116 5.00 -0.67 22.86
CA ALA A 116 6.42 -0.79 22.43
C ALA A 116 6.97 0.63 22.17
N ALA A 117 8.11 0.96 22.78
CA ALA A 117 8.73 2.30 22.67
C ALA A 117 9.38 2.45 21.29
N PRO A 118 9.35 3.65 20.72
CA PRO A 118 10.07 3.89 19.46
C PRO A 118 11.58 3.98 19.63
N SER A 119 12.34 3.52 18.63
CA SER A 119 13.73 3.95 18.48
C SER A 119 13.71 5.21 17.63
N VAL A 120 14.40 6.24 18.08
CA VAL A 120 14.36 7.55 17.43
C VAL A 120 15.71 7.91 16.79
N PHE A 121 15.66 8.44 15.56
CA PHE A 121 16.86 8.79 14.77
C PHE A 121 16.57 10.12 14.08
N ILE A 122 17.55 11.01 14.04
CA ILE A 122 17.43 12.29 13.34
C ILE A 122 18.39 12.32 12.12
N PHE A 123 17.95 12.89 11.00
CA PHE A 123 18.80 12.97 9.79
C PHE A 123 18.85 14.42 9.31
N PRO A 124 20.05 15.01 9.20
CA PRO A 124 20.18 16.36 8.67
C PRO A 124 20.06 16.32 7.16
N PRO A 125 19.89 17.49 6.52
CA PRO A 125 19.89 17.57 5.05
C PRO A 125 21.20 17.08 4.41
N SER A 126 21.12 16.35 3.31
CA SER A 126 22.28 16.07 2.49
C SER A 126 22.88 17.35 1.91
N ASP A 127 24.20 17.31 1.69
CA ASP A 127 24.87 18.31 0.89
C ASP A 127 24.23 18.46 -0.50
N GLU A 128 23.91 17.33 -1.13
CA GLU A 128 23.32 17.35 -2.48
CA GLU A 128 23.30 17.31 -2.46
C GLU A 128 22.06 18.20 -2.50
N GLN A 129 21.16 17.99 -1.53
CA GLN A 129 19.91 18.74 -1.45
C GLN A 129 20.16 20.22 -1.17
N LEU A 130 20.96 20.53 -0.16
CA LEU A 130 21.29 21.94 0.13
C LEU A 130 21.78 22.72 -1.10
N LYS A 131 22.62 22.08 -1.91
CA LYS A 131 23.05 22.62 -3.21
C LYS A 131 21.86 22.86 -4.14
N SER A 132 20.78 22.09 -4.00
CA SER A 132 19.57 22.31 -4.79
C SER A 132 18.74 23.50 -4.29
N GLY A 133 19.13 24.12 -3.18
CA GLY A 133 18.42 25.26 -2.62
C GLY A 133 17.37 24.98 -1.56
N THR A 134 17.27 23.74 -1.06
CA THR A 134 16.30 23.40 0.01
C THR A 134 16.90 22.50 1.09
N ALA A 135 16.22 22.41 2.23
CA ALA A 135 16.71 21.62 3.36
C ALA A 135 15.55 20.85 4.02
N SER A 136 15.64 19.52 3.98
CA SER A 136 14.69 18.65 4.69
C SER A 136 15.41 17.96 5.83
N VAL A 137 14.85 18.09 7.04
CA VAL A 137 15.33 17.39 8.20
C VAL A 137 14.32 16.26 8.53
N VAL A 138 14.82 15.05 8.68
CA VAL A 138 13.95 13.91 8.86
C VAL A 138 14.16 13.25 10.23
N CYS A 139 13.07 13.08 10.95
CA CYS A 139 13.07 12.35 12.22
C CYS A 139 12.30 11.02 12.00
N LEU A 140 12.93 9.93 12.40
CA LEU A 140 12.34 8.61 12.30
C LEU A 140 11.99 8.04 13.68
N LEU A 141 10.72 7.59 13.86
CA LEU A 141 10.30 6.76 15.01
C LEU A 141 10.01 5.34 14.52
N ASN A 142 10.82 4.40 14.97
CA ASN A 142 10.83 3.04 14.39
C ASN A 142 10.26 2.06 15.42
N ASN A 143 9.33 1.20 14.97
CA ASN A 143 8.85 0.02 15.71
C ASN A 143 8.19 0.31 17.04
N PHE A 144 7.08 1.02 16.98
CA PHE A 144 6.35 1.41 18.18
C PHE A 144 4.88 0.93 18.15
N TYR A 145 4.28 0.88 19.34
CA TYR A 145 2.82 0.61 19.50
C TYR A 145 2.43 1.25 20.83
N PRO A 146 1.31 1.92 20.89
CA PRO A 146 0.33 2.18 19.85
C PRO A 146 0.79 3.22 18.82
N ARG A 147 -0.08 3.44 17.84
CA ARG A 147 0.16 4.37 16.73
C ARG A 147 0.30 5.83 17.16
N GLU A 148 -0.46 6.20 18.18
CA GLU A 148 -0.38 7.53 18.77
C GLU A 148 1.04 7.86 19.20
N ALA A 149 1.51 9.03 18.75
CA ALA A 149 2.86 9.50 19.07
C ALA A 149 2.81 11.02 18.83
N LYS A 150 3.44 11.76 19.73
CA LYS A 150 3.58 13.20 19.57
C LYS A 150 5.04 13.49 19.22
N VAL A 151 5.26 14.17 18.11
CA VAL A 151 6.58 14.55 17.64
C VAL A 151 6.66 16.02 17.44
N GLN A 152 7.50 16.69 18.25
CA GLN A 152 7.75 18.14 18.14
C GLN A 152 9.13 18.46 17.54
N TRP A 153 9.18 19.50 16.71
CA TRP A 153 10.45 20.07 16.24
C TRP A 153 10.80 21.33 16.95
N LYS A 154 12.08 21.45 17.36
CA LYS A 154 12.67 22.66 17.91
C LYS A 154 13.87 23.02 17.07
N VAL A 155 13.92 24.29 16.69
CA VAL A 155 15.06 24.85 15.97
C VAL A 155 15.58 25.95 16.84
N ASP A 156 16.84 25.81 17.25
CA ASP A 156 17.45 26.61 18.33
C ASP A 156 16.53 26.78 19.56
N ASN A 157 15.83 25.71 19.92
CA ASN A 157 14.92 25.66 21.10
C ASN A 157 13.55 26.31 20.92
N ALA A 158 13.27 26.83 19.71
CA ALA A 158 11.98 27.45 19.39
C ALA A 158 11.10 26.33 18.85
N LEU A 159 9.88 26.21 19.37
CA LEU A 159 8.94 25.21 18.87
C LEU A 159 8.53 25.58 17.45
N GLN A 160 8.54 24.61 16.53
CA GLN A 160 8.13 24.86 15.14
C GLN A 160 6.70 24.43 14.94
N SER A 161 5.90 25.21 14.21
CA SER A 161 4.63 24.69 13.69
C SER A 161 4.49 25.01 12.20
N GLY A 162 3.84 24.10 11.46
CA GLY A 162 3.33 24.39 10.11
C GLY A 162 4.27 24.09 8.95
N ASN A 163 5.46 23.61 9.29
CA ASN A 163 6.48 23.35 8.30
C ASN A 163 6.96 21.88 8.29
N SER A 164 6.20 20.97 8.90
CA SER A 164 6.51 19.53 8.90
C SER A 164 5.30 18.67 8.47
N GLN A 165 5.62 17.48 7.97
CA GLN A 165 4.63 16.48 7.54
C GLN A 165 5.03 15.18 8.20
N GLU A 166 4.02 14.40 8.59
CA GLU A 166 4.20 13.06 9.14
C GLU A 166 3.72 11.99 8.21
N SER A 167 4.37 10.84 8.26
CA SER A 167 3.79 9.67 7.55
C SER A 167 4.01 8.46 8.43
N VAL A 168 3.06 7.58 8.44
CA VAL A 168 3.05 6.40 9.28
CA VAL A 168 3.11 6.38 9.26
C VAL A 168 2.86 5.16 8.40
N THR A 169 3.63 4.11 8.64
CA THR A 169 3.40 2.83 7.93
C THR A 169 2.15 2.12 8.41
N GLU A 170 1.72 1.11 7.68
CA GLU A 170 0.78 0.12 8.18
C GLU A 170 1.44 -0.71 9.26
N GLN A 171 0.63 -1.37 10.08
CA GLN A 171 1.18 -2.30 11.07
C GLN A 171 2.06 -3.37 10.38
N ASP A 172 3.16 -3.70 11.03
CA ASP A 172 4.14 -4.64 10.53
C ASP A 172 3.55 -6.03 10.56
N SER A 173 3.72 -6.79 9.48
CA SER A 173 3.14 -8.10 9.34
C SER A 173 3.77 -9.10 10.27
N LYS A 174 4.95 -8.80 10.84
CA LYS A 174 5.56 -9.77 11.80
C LYS A 174 5.42 -9.39 13.25
N ASP A 175 5.58 -8.12 13.60
CA ASP A 175 5.51 -7.72 15.02
C ASP A 175 4.44 -6.67 15.31
N SER A 176 3.58 -6.35 14.32
CA SER A 176 2.41 -5.51 14.56
C SER A 176 2.73 -4.07 15.10
N THR A 177 3.94 -3.60 14.88
CA THR A 177 4.31 -2.21 15.19
C THR A 177 4.16 -1.30 13.99
N TYR A 178 4.25 0.00 14.27
CA TYR A 178 4.23 1.06 13.29
C TYR A 178 5.59 1.73 13.31
N SER A 179 5.86 2.47 12.23
CA SER A 179 6.96 3.41 12.20
C SER A 179 6.41 4.70 11.61
N LEU A 180 7.09 5.79 11.92
CA LEU A 180 6.64 7.14 11.51
C LEU A 180 7.86 7.98 11.12
N SER A 181 7.70 8.79 10.07
CA SER A 181 8.60 9.83 9.68
C SER A 181 7.95 11.19 9.93
N SER A 182 8.72 12.11 10.55
CA SER A 182 8.42 13.53 10.57
C SER A 182 9.48 14.30 9.77
N THR A 183 9.07 15.09 8.80
CA THR A 183 9.98 15.83 7.93
C THR A 183 9.77 17.32 8.09
N LEU A 184 10.80 18.03 8.56
CA LEU A 184 10.77 19.45 8.67
C LEU A 184 11.40 20.03 7.36
N THR A 185 10.66 20.83 6.59
CA THR A 185 11.24 21.33 5.33
C THR A 185 11.40 22.82 5.44
N LEU A 186 12.56 23.33 5.04
CA LEU A 186 12.83 24.77 5.10
C LEU A 186 13.59 25.14 3.87
N SER A 187 13.63 26.43 3.55
CA SER A 187 14.53 26.90 2.50
C SER A 187 15.95 26.77 3.02
N LYS A 188 16.92 26.62 2.12
CA LYS A 188 18.33 26.55 2.50
C LYS A 188 18.73 27.77 3.32
N ALA A 189 18.24 28.95 2.93
CA ALA A 189 18.58 30.20 3.65
C ALA A 189 18.04 30.25 5.09
N ASP A 190 16.83 29.77 5.34
CA ASP A 190 16.28 29.65 6.70
CA ASP A 190 16.31 29.69 6.71
C ASP A 190 17.05 28.60 7.49
N TYR A 191 17.34 27.48 6.82
CA TYR A 191 18.08 26.41 7.45
C TYR A 191 19.43 26.89 8.01
N GLU A 192 20.12 27.71 7.22
CA GLU A 192 21.47 28.13 7.55
C GLU A 192 21.51 29.27 8.52
N LYS A 193 20.36 29.72 9.00
CA LYS A 193 20.28 30.79 9.96
C LYS A 193 20.18 30.32 11.38
N HIS A 194 20.20 28.99 11.59
CA HIS A 194 20.09 28.42 12.93
CA HIS A 194 20.00 28.33 12.90
C HIS A 194 21.03 27.22 13.07
N LYS A 195 21.36 26.86 14.31
CA LYS A 195 22.38 25.83 14.57
C LYS A 195 21.86 24.53 15.05
N VAL A 196 21.00 24.57 16.08
CA VAL A 196 20.52 23.34 16.66
C VAL A 196 19.18 22.88 16.05
N TYR A 197 19.15 21.63 15.61
CA TYR A 197 17.96 20.99 15.12
C TYR A 197 17.63 19.75 15.95
N ALA A 198 16.46 19.76 16.59
CA ALA A 198 16.05 18.71 17.55
C ALA A 198 14.63 18.19 17.23
N CYS A 199 14.39 16.88 17.28
CA CYS A 199 13.00 16.37 17.35
C CYS A 199 12.74 15.64 18.68
N GLU A 200 11.62 15.99 19.32
CA GLU A 200 11.22 15.49 20.61
C GLU A 200 9.96 14.66 20.51
N VAL A 201 10.08 13.43 21.04
CA VAL A 201 9.08 12.40 20.91
C VAL A 201 8.51 12.05 22.30
N THR A 202 7.18 12.06 22.38
CA THR A 202 6.37 11.71 23.51
C THR A 202 5.51 10.49 23.07
N HIS A 203 5.52 9.43 23.86
CA HIS A 203 4.87 8.19 23.50
C HIS A 203 4.63 7.35 24.74
N GLN A 204 3.51 6.65 24.75
CA GLN A 204 3.15 5.70 25.81
C GLN A 204 4.25 4.77 26.35
N GLY A 205 5.09 4.27 25.45
CA GLY A 205 6.27 3.45 25.78
C GLY A 205 7.46 4.09 26.45
N LEU A 206 7.50 5.42 26.45
CA LEU A 206 8.57 6.20 27.01
C LEU A 206 8.11 6.85 28.29
N SER A 207 8.91 6.76 29.35
CA SER A 207 8.56 7.35 30.66
C SER A 207 8.74 8.85 30.68
N SER A 208 9.63 9.34 29.83
CA SER A 208 9.67 10.75 29.52
C SER A 208 10.12 10.90 28.06
N PRO A 209 9.82 12.07 27.45
CA PRO A 209 10.16 12.24 26.05
C PRO A 209 11.66 12.14 25.71
N VAL A 210 11.93 11.62 24.53
CA VAL A 210 13.27 11.46 24.00
C VAL A 210 13.48 12.55 22.96
N THR A 211 14.62 13.24 23.04
CA THR A 211 15.05 14.20 22.05
C THR A 211 16.27 13.67 21.29
N LYS A 212 16.22 13.71 19.96
CA LYS A 212 17.44 13.61 19.13
C LYS A 212 17.74 14.91 18.42
N SER A 213 19.01 15.29 18.39
CA SER A 213 19.41 16.51 17.75
C SER A 213 20.78 16.47 17.08
N PHE A 214 21.06 17.53 16.32
CA PHE A 214 22.35 17.74 15.70
C PHE A 214 22.56 19.24 15.59
N ASN A 215 23.84 19.61 15.57
CA ASN A 215 24.29 20.97 15.30
C ASN A 215 24.71 21.07 13.87
N ARG A 216 24.17 22.08 13.19
CA ARG A 216 24.42 22.24 11.78
C ARG A 216 25.91 22.36 11.46
N GLY A 217 26.30 21.66 10.37
CA GLY A 217 27.69 21.65 9.87
C GLY A 217 28.56 20.56 10.50
N GLU A 218 27.95 19.70 11.30
CA GLU A 218 28.72 18.72 12.07
C GLU A 218 27.78 17.58 12.37
N GLN B 1 3.15 -22.14 -12.02
CA GLN B 1 2.09 -21.48 -11.20
C GLN B 1 1.21 -20.51 -12.05
N VAL B 2 -0.06 -20.32 -11.64
CA VAL B 2 -0.90 -19.27 -12.25
C VAL B 2 -0.37 -17.87 -11.89
N GLN B 3 -0.16 -17.05 -12.92
CA GLN B 3 0.22 -15.66 -12.80
C GLN B 3 -0.47 -14.75 -13.77
N LEU B 4 -0.77 -13.58 -13.25
CA LEU B 4 -1.41 -12.52 -13.97
C LEU B 4 -0.53 -11.29 -13.68
N VAL B 5 0.20 -10.82 -14.70
CA VAL B 5 1.13 -9.69 -14.54
C VAL B 5 0.63 -8.54 -15.40
N GLN B 6 0.27 -7.43 -14.74
CA GLN B 6 -0.25 -6.24 -15.44
C GLN B 6 0.81 -5.26 -15.81
N SER B 7 0.45 -4.35 -16.70
CA SER B 7 1.35 -3.30 -17.16
C SER B 7 1.47 -2.22 -16.08
N GLY B 8 2.38 -1.30 -16.32
CA GLY B 8 2.82 -0.32 -15.33
C GLY B 8 1.87 0.86 -15.18
N PRO B 9 2.17 1.73 -14.21
CA PRO B 9 1.36 2.90 -13.93
C PRO B 9 1.25 3.86 -15.08
N GLU B 10 0.12 4.53 -15.16
CA GLU B 10 -0.10 5.52 -16.22
C GLU B 10 -0.57 6.87 -15.69
N LEU B 11 -0.10 7.92 -16.37
CA LEU B 11 -0.60 9.25 -16.22
C LEU B 11 -1.27 9.66 -17.53
N LYS B 12 -2.52 10.10 -17.46
CA LYS B 12 -3.29 10.55 -18.64
C LYS B 12 -4.03 11.86 -18.42
N LYS B 13 -4.26 12.60 -19.50
CA LYS B 13 -5.05 13.81 -19.44
C LYS B 13 -6.50 13.44 -19.61
N PRO B 14 -7.39 14.29 -19.03
CA PRO B 14 -8.81 14.13 -19.27
C PRO B 14 -9.13 14.10 -20.75
N GLY B 15 -10.00 13.18 -21.14
CA GLY B 15 -10.40 13.02 -22.55
C GLY B 15 -9.57 12.02 -23.37
N GLU B 16 -8.41 11.62 -22.86
CA GLU B 16 -7.55 10.65 -23.53
C GLU B 16 -8.07 9.20 -23.30
N THR B 17 -7.32 8.23 -23.83
CA THR B 17 -7.64 6.81 -23.85
C THR B 17 -6.44 6.12 -23.21
N VAL B 18 -6.71 5.16 -22.36
CA VAL B 18 -5.68 4.33 -21.72
C VAL B 18 -6.05 2.87 -22.02
N LYS B 19 -5.03 2.06 -22.33
CA LYS B 19 -5.20 0.63 -22.49
C LYS B 19 -4.23 -0.04 -21.55
N ILE B 20 -4.75 -0.88 -20.66
CA ILE B 20 -3.99 -1.58 -19.61
C ILE B 20 -3.94 -3.08 -20.00
N SER B 21 -2.81 -3.73 -19.73
CA SER B 21 -2.68 -5.13 -20.01
C SER B 21 -2.44 -6.04 -18.80
N CYS B 22 -2.74 -7.30 -19.05
CA CYS B 22 -2.67 -8.32 -18.07
C CYS B 22 -2.29 -9.61 -18.78
N LYS B 23 -0.99 -9.92 -18.76
CA LYS B 23 -0.42 -11.15 -19.30
C LYS B 23 -0.62 -12.34 -18.35
N ALA B 24 -1.34 -13.36 -18.84
CA ALA B 24 -1.64 -14.58 -18.11
C ALA B 24 -0.61 -15.63 -18.46
N SER B 25 -0.24 -16.46 -17.46
CA SER B 25 0.61 -17.60 -17.70
C SER B 25 0.28 -18.70 -16.70
N GLY B 26 0.64 -19.94 -17.02
CA GLY B 26 0.48 -21.05 -16.08
C GLY B 26 -0.81 -21.81 -16.13
N TYR B 27 -1.66 -21.49 -17.11
CA TYR B 27 -2.93 -22.18 -17.32
C TYR B 27 -3.44 -21.99 -18.75
N MET B 28 -4.41 -22.81 -19.14
CA MET B 28 -5.12 -22.69 -20.43
C MET B 28 -5.98 -21.40 -20.46
N PHE B 29 -5.41 -20.37 -21.07
CA PHE B 29 -5.91 -19.00 -21.10
C PHE B 29 -7.36 -18.91 -21.54
N THR B 30 -7.70 -19.70 -22.56
CA THR B 30 -9.01 -19.64 -23.17
C THR B 30 -10.13 -20.27 -22.39
N ASN B 31 -9.89 -20.83 -21.19
CA ASN B 31 -10.89 -21.71 -20.57
C ASN B 31 -11.41 -21.10 -19.27
N TYR B 32 -10.96 -19.88 -18.96
CA TYR B 32 -11.31 -19.16 -17.73
C TYR B 32 -11.71 -17.73 -18.07
N GLY B 33 -12.61 -17.18 -17.26
CA GLY B 33 -13.02 -15.77 -17.40
C GLY B 33 -11.89 -14.82 -17.06
N MET B 34 -11.83 -13.70 -17.78
CA MET B 34 -10.99 -12.60 -17.36
C MET B 34 -11.87 -11.42 -16.91
N ASN B 35 -11.78 -11.13 -15.59
CA ASN B 35 -12.55 -10.07 -14.92
C ASN B 35 -11.70 -8.87 -14.68
N TRP B 36 -12.37 -7.72 -14.62
CA TRP B 36 -11.69 -6.46 -14.28
C TRP B 36 -12.40 -5.83 -13.13
N VAL B 37 -11.63 -5.39 -12.15
CA VAL B 37 -12.12 -4.81 -10.91
C VAL B 37 -11.42 -3.48 -10.68
N LYS B 38 -12.16 -2.49 -10.22
CA LYS B 38 -11.66 -1.15 -9.93
C LYS B 38 -11.62 -0.89 -8.44
N GLN B 39 -10.53 -0.28 -8.00
CA GLN B 39 -10.37 0.17 -6.64
C GLN B 39 -9.89 1.63 -6.65
N ALA B 40 -10.83 2.57 -6.49
CA ALA B 40 -10.46 3.98 -6.32
C ALA B 40 -9.87 4.18 -4.92
N PRO B 41 -9.03 5.21 -4.72
CA PRO B 41 -8.38 5.51 -3.42
C PRO B 41 -9.30 5.47 -2.20
N GLY B 42 -8.85 4.69 -1.20
CA GLY B 42 -9.62 4.38 -0.01
C GLY B 42 -10.95 3.69 -0.20
N LYS B 43 -11.19 3.06 -1.37
CA LYS B 43 -12.54 2.54 -1.70
C LYS B 43 -12.67 1.01 -1.78
N ALA B 44 -13.93 0.54 -1.74
CA ALA B 44 -14.18 -0.87 -1.86
C ALA B 44 -13.89 -1.29 -3.32
N LEU B 45 -13.78 -2.58 -3.53
CA LEU B 45 -13.55 -3.13 -4.83
C LEU B 45 -14.87 -3.02 -5.59
N LYS B 46 -14.80 -2.59 -6.84
CA LYS B 46 -15.92 -2.61 -7.79
C LYS B 46 -15.66 -3.53 -8.99
N TRP B 47 -16.59 -4.45 -9.21
CA TRP B 47 -16.55 -5.29 -10.40
C TRP B 47 -17.01 -4.49 -11.59
N MET B 48 -16.18 -4.46 -12.64
CA MET B 48 -16.43 -3.69 -13.81
C MET B 48 -17.10 -4.55 -14.91
N GLY B 49 -16.58 -5.77 -15.08
CA GLY B 49 -17.10 -6.68 -16.05
C GLY B 49 -16.13 -7.82 -16.28
N TRP B 50 -16.51 -8.68 -17.23
CA TRP B 50 -15.58 -9.70 -17.76
C TRP B 50 -15.69 -9.91 -19.28
N ILE B 51 -14.64 -10.51 -19.82
CA ILE B 51 -14.63 -11.01 -21.15
C ILE B 51 -14.45 -12.57 -21.11
N ASN B 52 -15.26 -13.26 -21.89
CA ASN B 52 -15.17 -14.71 -22.03
C ASN B 52 -14.21 -15.08 -23.19
N PRO B 53 -12.99 -15.60 -22.86
CA PRO B 53 -11.94 -15.82 -23.89
C PRO B 53 -12.21 -16.98 -24.78
N TYR B 54 -13.13 -17.82 -24.34
CA TYR B 54 -13.65 -18.90 -25.14
C TYR B 54 -14.50 -18.38 -26.28
N THR B 55 -15.20 -17.28 -26.07
CA THR B 55 -16.19 -16.81 -27.06
C THR B 55 -16.00 -15.35 -27.53
N GLY B 56 -15.16 -14.59 -26.81
CA GLY B 56 -14.85 -13.19 -27.13
C GLY B 56 -15.91 -12.21 -26.64
N GLU B 57 -16.96 -12.73 -26.02
CA GLU B 57 -18.06 -11.92 -25.50
C GLU B 57 -17.72 -11.17 -24.18
N SER B 58 -18.18 -9.92 -24.08
CA SER B 58 -17.91 -9.00 -22.98
C SER B 58 -19.20 -8.73 -22.24
N THR B 59 -19.14 -8.67 -20.91
CA THR B 59 -20.30 -8.27 -20.09
C THR B 59 -19.81 -7.24 -19.07
N PHE B 60 -20.61 -6.19 -18.90
CA PHE B 60 -20.30 -5.03 -18.08
C PHE B 60 -21.35 -4.81 -16.99
N ALA B 61 -20.86 -4.41 -15.81
CA ALA B 61 -21.71 -3.82 -14.77
C ALA B 61 -22.28 -2.47 -15.26
N ASP B 62 -23.48 -2.13 -14.80
CA ASP B 62 -24.20 -0.87 -15.15
C ASP B 62 -23.35 0.38 -15.23
N ASP B 63 -22.52 0.61 -14.24
CA ASP B 63 -21.66 1.80 -14.23
C ASP B 63 -20.52 1.77 -15.23
N PHE B 64 -20.34 0.67 -15.98
CA PHE B 64 -19.17 0.52 -16.85
C PHE B 64 -19.55 0.26 -18.30
N LYS B 65 -20.81 0.55 -18.64
CA LYS B 65 -21.33 0.48 -20.01
C LYS B 65 -21.07 1.83 -20.65
N GLY B 66 -20.24 1.89 -21.72
CA GLY B 66 -19.99 3.14 -22.46
C GLY B 66 -18.53 3.33 -22.83
N ARG B 67 -17.76 3.88 -21.91
CA ARG B 67 -16.38 4.24 -22.16
C ARG B 67 -15.37 3.10 -21.94
N PHE B 68 -15.85 1.91 -21.69
CA PHE B 68 -15.02 0.76 -21.28
C PHE B 68 -15.09 -0.34 -22.31
N ALA B 69 -13.94 -0.90 -22.64
CA ALA B 69 -13.85 -2.06 -23.53
C ALA B 69 -12.79 -3.09 -23.02
N PHE B 70 -13.00 -4.34 -23.38
CA PHE B 70 -12.13 -5.45 -23.03
C PHE B 70 -11.67 -6.11 -24.32
N PHE B 71 -10.42 -6.51 -24.37
CA PHE B 71 -9.85 -7.14 -25.60
C PHE B 71 -8.98 -8.30 -25.16
N LEU B 72 -8.74 -9.23 -26.09
CA LEU B 72 -7.94 -10.44 -25.88
C LEU B 72 -6.97 -10.60 -27.00
N GLU B 73 -5.76 -11.02 -26.67
CA GLU B 73 -4.77 -11.41 -27.66
C GLU B 73 -4.38 -12.82 -27.20
N THR B 74 -5.08 -13.82 -27.76
CA THR B 74 -5.03 -15.20 -27.27
C THR B 74 -3.66 -15.85 -27.49
N SER B 75 -3.12 -15.69 -28.68
CA SER B 75 -1.75 -16.11 -28.98
C SER B 75 -0.79 -15.55 -27.92
N ALA B 76 -0.98 -14.30 -27.48
CA ALA B 76 -0.11 -13.70 -26.48
C ALA B 76 -0.59 -13.87 -25.04
N THR B 77 -1.62 -14.67 -24.85
CA THR B 77 -2.32 -14.85 -23.55
C THR B 77 -2.43 -13.59 -22.72
N THR B 78 -2.84 -12.51 -23.40
CA THR B 78 -2.99 -11.21 -22.78
C THR B 78 -4.40 -10.66 -22.96
N ALA B 79 -4.92 -10.13 -21.87
CA ALA B 79 -6.21 -9.47 -21.77
C ALA B 79 -5.92 -7.99 -21.57
N TYR B 80 -6.82 -7.15 -22.12
CA TYR B 80 -6.71 -5.70 -22.08
C TYR B 80 -8.01 -5.05 -21.62
N LEU B 81 -7.82 -3.96 -20.84
CA LEU B 81 -8.86 -2.99 -20.47
C LEU B 81 -8.57 -1.65 -21.13
N GLN B 82 -9.52 -1.18 -21.90
CA GLN B 82 -9.45 0.15 -22.49
C GLN B 82 -10.53 1.05 -21.90
N ILE B 83 -10.07 2.21 -21.44
CA ILE B 83 -10.94 3.31 -21.00
C ILE B 83 -10.76 4.51 -21.90
N ASN B 84 -11.81 4.91 -22.62
N ASN B 84 -11.87 4.95 -22.47
CA ASN B 84 -11.75 6.11 -23.44
CA ASN B 84 -11.94 6.03 -23.42
C ASN B 84 -12.48 7.28 -22.78
C ASN B 84 -12.52 7.29 -22.75
N ASN B 85 -12.12 8.49 -23.19
CA ASN B 85 -12.69 9.74 -22.63
C ASN B 85 -12.48 9.87 -21.12
N LEU B 86 -11.23 9.63 -20.71
CA LEU B 86 -10.82 9.60 -19.31
C LEU B 86 -11.33 10.83 -18.50
N LYS B 87 -11.86 10.56 -17.31
CA LYS B 87 -12.33 11.55 -16.36
C LYS B 87 -11.64 11.33 -15.03
N ASN B 88 -11.70 12.33 -14.13
CA ASN B 88 -11.06 12.23 -12.81
C ASN B 88 -11.55 11.06 -11.98
N GLU B 89 -12.81 10.68 -12.16
CA GLU B 89 -13.40 9.52 -11.43
CA GLU B 89 -13.38 9.54 -11.42
C GLU B 89 -12.75 8.18 -11.84
N ASP B 90 -12.02 8.18 -12.94
CA ASP B 90 -11.29 7.01 -13.42
C ASP B 90 -9.94 6.80 -12.76
N THR B 91 -9.45 7.80 -12.04
CA THR B 91 -8.21 7.66 -11.21
C THR B 91 -8.44 6.57 -10.16
N ALA B 92 -7.73 5.46 -10.35
CA ALA B 92 -7.93 4.26 -9.56
C ALA B 92 -6.83 3.25 -9.88
N THR B 93 -6.73 2.22 -9.05
CA THR B 93 -6.01 0.99 -9.37
C THR B 93 -7.03 -0.04 -9.98
N TYR B 94 -6.64 -0.64 -11.10
CA TYR B 94 -7.43 -1.61 -11.85
C TYR B 94 -6.76 -2.99 -11.80
N PHE B 95 -7.53 -4.01 -11.44
CA PHE B 95 -7.05 -5.38 -11.29
C PHE B 95 -7.73 -6.23 -12.30
N CYS B 96 -6.93 -7.08 -12.96
CA CYS B 96 -7.47 -8.23 -13.67
C CYS B 96 -7.56 -9.40 -12.66
N ALA B 97 -8.54 -10.27 -12.86
CA ALA B 97 -8.74 -11.41 -11.95
C ALA B 97 -9.31 -12.56 -12.79
N ARG B 98 -8.69 -13.73 -12.65
CA ARG B 98 -9.14 -14.92 -13.30
C ARG B 98 -10.42 -15.39 -12.62
N GLY B 99 -11.43 -15.70 -13.43
CA GLY B 99 -12.66 -16.30 -12.96
C GLY B 99 -12.63 -17.82 -13.08
N THR B 100 -12.68 -18.54 -11.95
CA THR B 100 -12.90 -19.98 -11.95
C THR B 100 -14.41 -20.21 -11.88
N THR B 101 -14.97 -20.55 -13.06
CA THR B 101 -16.43 -20.58 -13.29
C THR B 101 -17.08 -21.78 -12.60
N ILE B 102 -16.28 -22.84 -12.36
CA ILE B 102 -16.79 -24.01 -11.61
C ILE B 102 -17.26 -23.76 -10.17
N VAL B 103 -16.78 -22.66 -9.50
CA VAL B 103 -17.41 -22.13 -8.23
C VAL B 103 -17.69 -20.61 -8.22
N ARG B 104 -17.55 -19.99 -9.40
CA ARG B 104 -17.90 -18.56 -9.65
C ARG B 104 -17.16 -17.60 -8.75
N ALA B 105 -15.84 -17.70 -8.78
CA ALA B 105 -14.96 -16.90 -7.92
C ALA B 105 -13.76 -16.39 -8.72
N PHE B 106 -13.00 -15.51 -8.09
CA PHE B 106 -11.87 -14.83 -8.70
C PHE B 106 -10.67 -15.39 -7.95
N ASP B 107 -10.13 -16.52 -8.42
CA ASP B 107 -9.16 -17.27 -7.65
C ASP B 107 -7.74 -16.71 -7.74
N TYR B 108 -7.40 -16.08 -8.86
CA TYR B 108 -6.11 -15.39 -8.96
C TYR B 108 -6.24 -14.01 -9.55
N TRP B 109 -5.50 -13.08 -8.96
CA TRP B 109 -5.53 -11.68 -9.31
C TRP B 109 -4.19 -11.14 -9.77
N GLY B 110 -4.21 -10.20 -10.70
CA GLY B 110 -3.02 -9.41 -11.00
C GLY B 110 -2.64 -8.42 -9.93
N GLN B 111 -1.50 -7.76 -10.10
CA GLN B 111 -0.90 -6.99 -9.03
C GLN B 111 -1.48 -5.56 -8.93
N GLY B 112 -2.29 -5.18 -9.90
CA GLY B 112 -2.84 -3.84 -9.96
C GLY B 112 -2.09 -2.93 -10.89
N THR B 113 -2.84 -2.09 -11.60
CA THR B 113 -2.28 -1.02 -12.43
C THR B 113 -2.93 0.27 -11.99
N SER B 114 -2.08 1.21 -11.58
CA SER B 114 -2.49 2.54 -11.19
C SER B 114 -2.60 3.53 -12.35
N VAL B 115 -3.75 4.19 -12.46
CA VAL B 115 -3.98 5.18 -13.52
C VAL B 115 -4.37 6.47 -12.84
N THR B 116 -3.70 7.56 -13.22
CA THR B 116 -3.99 8.91 -12.70
C THR B 116 -4.37 9.69 -13.90
N VAL B 117 -5.56 10.27 -13.85
CA VAL B 117 -6.05 11.25 -14.77
C VAL B 117 -5.80 12.61 -14.14
N SER B 118 -5.05 13.45 -14.84
CA SER B 118 -4.65 14.78 -14.42
C SER B 118 -4.33 15.67 -15.61
N SER B 119 -4.64 16.96 -15.48
CA SER B 119 -4.18 17.99 -16.41
C SER B 119 -2.65 18.28 -16.32
N ALA B 120 -2.02 17.92 -15.20
CA ALA B 120 -0.62 18.19 -14.90
C ALA B 120 0.37 17.23 -15.57
N SER B 121 1.49 17.79 -16.06
CA SER B 121 2.65 16.98 -16.52
C SER B 121 3.36 16.24 -15.40
N THR B 122 3.98 15.12 -15.77
CA THR B 122 4.72 14.35 -14.83
C THR B 122 5.90 15.17 -14.31
N LYS B 123 6.33 14.85 -13.10
CA LYS B 123 7.58 15.39 -12.54
C LYS B 123 8.33 14.21 -11.86
N GLY B 124 9.59 14.01 -12.22
CA GLY B 124 10.42 13.01 -11.63
C GLY B 124 11.03 13.45 -10.33
N PRO B 125 11.28 12.49 -9.42
CA PRO B 125 11.79 12.79 -8.10
C PRO B 125 13.25 13.11 -8.08
N SER B 126 13.68 13.89 -7.09
CA SER B 126 15.07 14.02 -6.77
C SER B 126 15.30 13.07 -5.63
N VAL B 127 16.43 12.39 -5.60
CA VAL B 127 16.68 11.37 -4.57
C VAL B 127 17.88 11.79 -3.74
N PHE B 128 17.71 11.88 -2.43
CA PHE B 128 18.77 12.37 -1.56
C PHE B 128 19.08 11.35 -0.47
N PRO B 129 20.37 11.24 -0.07
CA PRO B 129 20.73 10.27 0.98
C PRO B 129 20.31 10.74 2.39
N LEU B 130 19.91 9.79 3.23
CA LEU B 130 19.72 10.00 4.66
C LEU B 130 20.82 9.16 5.25
N ALA B 131 21.85 9.83 5.73
CA ALA B 131 23.14 9.18 5.98
C ALA B 131 23.20 8.58 7.35
N PRO B 132 23.84 7.38 7.48
CA PRO B 132 23.99 6.59 8.71
C PRO B 132 24.17 7.38 10.00
N SER B 133 23.32 6.97 10.95
CA SER B 133 23.18 7.55 12.30
C SER B 133 24.49 7.51 13.14
N SER B 134 25.13 6.33 13.19
CA SER B 134 26.30 6.10 14.05
C SER B 134 27.57 5.76 13.25
N LYS B 135 28.66 5.55 13.99
CA LYS B 135 29.89 4.94 13.48
C LYS B 135 30.00 3.50 14.01
N SER B 136 30.91 2.73 13.40
CA SER B 136 31.10 1.30 13.72
C SER B 136 31.54 1.03 15.17
N THR B 137 32.52 1.81 15.62
CA THR B 137 33.24 1.61 16.90
C THR B 137 32.37 1.79 18.17
N SER B 138 31.17 2.33 17.99
CA SER B 138 30.07 2.23 18.96
C SER B 138 28.95 1.44 18.29
N GLY B 139 28.77 0.18 18.71
CA GLY B 139 27.93 -0.78 18.00
C GLY B 139 26.42 -0.54 17.98
N GLY B 140 25.66 -1.64 18.05
CA GLY B 140 24.20 -1.57 18.02
C GLY B 140 23.68 -1.35 16.62
N THR B 141 22.55 -0.67 16.54
CA THR B 141 21.79 -0.50 15.30
C THR B 141 21.95 0.90 14.76
N ALA B 142 22.02 1.01 13.44
CA ALA B 142 22.10 2.27 12.76
C ALA B 142 20.99 2.36 11.71
N ALA B 143 20.36 3.53 11.61
CA ALA B 143 19.39 3.77 10.57
C ALA B 143 20.02 4.58 9.43
N LEU B 144 19.57 4.28 8.22
CA LEU B 144 19.95 5.00 7.01
C LEU B 144 18.78 4.97 6.01
N GLY B 145 18.85 5.82 4.99
CA GLY B 145 17.75 5.97 4.06
C GLY B 145 17.98 6.79 2.80
N CYS B 146 16.88 7.01 2.10
CA CYS B 146 16.81 7.83 0.90
C CYS B 146 15.54 8.67 1.02
N LEU B 147 15.65 9.96 0.71
CA LEU B 147 14.52 10.87 0.57
C LEU B 147 14.20 11.02 -0.92
N VAL B 148 12.96 10.67 -1.28
CA VAL B 148 12.46 10.69 -2.66
C VAL B 148 11.48 11.86 -2.77
N LYS B 149 11.99 12.97 -3.31
CA LYS B 149 11.35 14.23 -3.16
C LYS B 149 10.77 14.84 -4.46
N ASP B 150 9.59 15.45 -4.32
CA ASP B 150 9.00 16.29 -5.39
C ASP B 150 8.67 15.57 -6.72
N TYR B 151 7.76 14.63 -6.70
CA TYR B 151 7.32 13.93 -7.89
C TYR B 151 5.80 13.94 -8.08
N PHE B 152 5.38 13.60 -9.31
CA PHE B 152 3.97 13.46 -9.65
C PHE B 152 3.85 12.62 -10.93
N PRO B 153 2.90 11.66 -10.95
CA PRO B 153 2.02 11.29 -9.89
C PRO B 153 2.61 10.16 -9.08
N GLU B 154 1.78 9.59 -8.21
CA GLU B 154 2.07 8.28 -7.62
C GLU B 154 1.95 7.20 -8.72
N PRO B 155 2.63 6.05 -8.56
CA PRO B 155 3.54 5.64 -7.53
C PRO B 155 5.01 5.78 -7.89
N VAL B 156 5.87 5.68 -6.85
CA VAL B 156 7.28 5.30 -7.02
C VAL B 156 7.52 3.94 -6.37
N THR B 157 8.59 3.30 -6.82
CA THR B 157 9.09 2.02 -6.35
C THR B 157 10.44 2.30 -5.72
N VAL B 158 10.70 1.78 -4.52
CA VAL B 158 12.02 1.90 -3.88
C VAL B 158 12.48 0.53 -3.48
N SER B 159 13.65 0.10 -3.93
CA SER B 159 14.22 -1.16 -3.42
C SER B 159 15.58 -0.84 -2.77
N TRP B 160 16.21 -1.79 -2.09
CA TRP B 160 17.53 -1.59 -1.52
C TRP B 160 18.47 -2.68 -2.00
N ASN B 161 19.61 -2.26 -2.54
CA ASN B 161 20.62 -3.22 -2.99
C ASN B 161 20.00 -4.17 -4.03
N SER B 162 19.23 -3.57 -4.93
CA SER B 162 18.58 -4.29 -6.03
C SER B 162 17.71 -5.44 -5.57
N GLY B 163 17.01 -5.24 -4.45
CA GLY B 163 16.09 -6.23 -3.90
C GLY B 163 16.70 -7.25 -2.93
N ALA B 164 18.03 -7.26 -2.78
CA ALA B 164 18.69 -8.18 -1.85
C ALA B 164 18.54 -7.78 -0.37
N LEU B 165 18.31 -6.50 -0.09
CA LEU B 165 18.07 -6.04 1.29
C LEU B 165 16.59 -5.67 1.47
N THR B 166 15.89 -6.48 2.26
CA THR B 166 14.44 -6.33 2.50
C THR B 166 14.08 -6.27 3.98
N SER B 167 14.91 -6.90 4.81
CA SER B 167 14.69 -6.95 6.23
C SER B 167 15.06 -5.60 6.82
N GLY B 168 14.15 -5.05 7.61
CA GLY B 168 14.36 -3.80 8.30
C GLY B 168 13.96 -2.55 7.54
N VAL B 169 13.39 -2.70 6.33
CA VAL B 169 13.09 -1.61 5.44
C VAL B 169 11.69 -1.08 5.68
N HIS B 170 11.54 0.24 5.71
CA HIS B 170 10.22 0.87 5.82
C HIS B 170 10.17 1.98 4.80
N THR B 171 9.40 1.80 3.74
CA THR B 171 9.13 2.87 2.79
C THR B 171 7.81 3.51 3.16
N PHE B 172 7.83 4.80 3.47
CA PHE B 172 6.65 5.46 4.04
C PHE B 172 5.62 5.81 2.93
N PRO B 173 4.32 5.85 3.28
CA PRO B 173 3.39 6.44 2.36
C PRO B 173 3.85 7.83 1.90
N ALA B 174 3.65 8.13 0.62
CA ALA B 174 3.76 9.50 0.08
C ALA B 174 2.83 10.53 0.73
N VAL B 175 3.33 11.76 0.88
CA VAL B 175 2.55 12.86 1.36
C VAL B 175 2.71 13.96 0.34
N LEU B 176 1.65 14.75 0.19
CA LEU B 176 1.64 15.99 -0.57
C LEU B 176 2.12 17.16 0.26
N GLN B 177 2.83 18.03 -0.42
CA GLN B 177 3.30 19.31 0.06
CA GLN B 177 3.16 19.33 0.18
C GLN B 177 2.39 20.36 -0.59
N SER B 178 2.45 21.61 -0.12
CA SER B 178 1.67 22.69 -0.77
C SER B 178 2.07 22.99 -2.20
N SER B 179 3.19 22.46 -2.62
CA SER B 179 3.65 22.51 -4.00
C SER B 179 2.77 21.67 -4.97
N GLY B 180 1.95 20.77 -4.45
CA GLY B 180 1.17 19.80 -5.25
C GLY B 180 1.92 18.53 -5.62
N LEU B 181 3.12 18.38 -5.02
CA LEU B 181 4.02 17.24 -5.37
C LEU B 181 4.19 16.33 -4.16
N TYR B 182 4.38 15.06 -4.43
CA TYR B 182 4.62 14.05 -3.38
C TYR B 182 6.10 14.00 -2.86
N SER B 183 6.28 13.58 -1.63
CA SER B 183 7.59 13.15 -1.13
C SER B 183 7.38 11.98 -0.21
N LEU B 184 8.40 11.15 -0.17
CA LEU B 184 8.53 10.10 0.83
C LEU B 184 10.01 9.79 1.10
N SER B 185 10.22 9.14 2.25
CA SER B 185 11.52 8.57 2.67
C SER B 185 11.36 7.05 2.74
N SER B 186 12.46 6.35 2.54
CA SER B 186 12.56 4.91 2.73
C SER B 186 13.71 4.76 3.63
N VAL B 187 13.54 4.03 4.73
CA VAL B 187 14.61 3.84 5.72
C VAL B 187 14.89 2.34 5.96
N VAL B 188 16.10 2.03 6.40
CA VAL B 188 16.44 0.69 6.79
C VAL B 188 17.32 0.74 8.02
N THR B 189 17.19 -0.24 8.92
CA THR B 189 18.10 -0.37 10.07
C THR B 189 19.03 -1.54 9.84
N VAL B 190 20.28 -1.38 10.30
CA VAL B 190 21.36 -2.31 10.02
C VAL B 190 22.32 -2.29 11.22
N PRO B 191 23.14 -3.34 11.36
CA PRO B 191 24.16 -3.33 12.40
C PRO B 191 25.20 -2.27 12.09
N SER B 192 25.53 -1.42 13.07
CA SER B 192 26.43 -0.29 12.83
C SER B 192 27.86 -0.74 12.47
N SER B 193 28.20 -1.95 12.88
CA SER B 193 29.47 -2.59 12.54
C SER B 193 29.58 -2.94 11.04
N SER B 194 28.44 -3.12 10.37
CA SER B 194 28.37 -3.40 8.92
C SER B 194 28.50 -2.16 7.99
N LEU B 195 28.36 -0.95 8.55
CA LEU B 195 28.58 0.28 7.78
C LEU B 195 29.99 0.41 7.21
N GLY B 196 30.95 -0.32 7.79
CA GLY B 196 32.33 -0.31 7.33
C GLY B 196 32.65 -1.38 6.30
N THR B 197 31.76 -2.35 6.15
CA THR B 197 31.91 -3.45 5.19
C THR B 197 30.87 -3.35 4.07
N GLN B 198 29.61 -3.14 4.44
CA GLN B 198 28.47 -3.22 3.52
C GLN B 198 28.12 -1.86 2.90
N THR B 199 28.01 -1.82 1.58
CA THR B 199 27.53 -0.61 0.94
C THR B 199 26.01 -0.72 0.77
N TYR B 200 25.37 0.43 0.76
CA TYR B 200 23.91 0.51 0.74
C TYR B 200 23.43 1.49 -0.35
N ILE B 201 22.67 0.95 -1.31
CA ILE B 201 22.14 1.69 -2.46
C ILE B 201 20.60 1.53 -2.51
N CYS B 202 19.88 2.64 -2.44
CA CYS B 202 18.45 2.62 -2.70
C CYS B 202 18.22 2.80 -4.20
N ASN B 203 17.33 1.99 -4.76
CA ASN B 203 17.01 2.03 -6.17
C ASN B 203 15.59 2.58 -6.31
N VAL B 204 15.45 3.74 -6.94
CA VAL B 204 14.18 4.40 -7.01
C VAL B 204 13.72 4.41 -8.48
N ASN B 205 12.47 4.02 -8.71
CA ASN B 205 11.91 4.00 -10.05
C ASN B 205 10.58 4.77 -10.08
N HIS B 206 10.52 5.86 -10.85
CA HIS B 206 9.26 6.58 -11.10
C HIS B 206 8.95 6.37 -12.59
N LYS B 207 8.15 5.35 -12.87
CA LYS B 207 7.87 5.01 -14.24
C LYS B 207 7.23 6.12 -15.08
N PRO B 208 6.24 6.87 -14.54
CA PRO B 208 5.61 7.89 -15.42
C PRO B 208 6.56 8.96 -15.96
N SER B 209 7.66 9.22 -15.27
CA SER B 209 8.67 10.17 -15.74
C SER B 209 9.89 9.46 -16.28
N ASN B 210 9.86 8.13 -16.42
CA ASN B 210 11.04 7.35 -16.76
C ASN B 210 12.30 7.73 -15.96
N THR B 211 12.14 7.97 -14.65
CA THR B 211 13.26 8.23 -13.76
C THR B 211 13.66 6.91 -13.11
N LYS B 212 14.90 6.50 -13.26
CA LYS B 212 15.51 5.38 -12.50
C LYS B 212 16.80 5.92 -11.87
N VAL B 213 16.93 5.82 -10.55
CA VAL B 213 18.06 6.41 -9.85
C VAL B 213 18.53 5.38 -8.87
N ASP B 214 19.85 5.21 -8.81
CA ASP B 214 20.50 4.43 -7.75
C ASP B 214 21.35 5.42 -6.97
N LYS B 215 21.18 5.45 -5.65
CA LYS B 215 21.85 6.37 -4.76
C LYS B 215 22.54 5.59 -3.64
N LYS B 216 23.86 5.68 -3.62
CA LYS B 216 24.72 5.15 -2.55
C LYS B 216 24.57 6.03 -1.31
N VAL B 217 24.27 5.39 -0.19
CA VAL B 217 24.02 6.06 1.09
C VAL B 217 25.19 5.74 2.03
N GLU B 218 25.99 6.72 2.38
CA GLU B 218 27.13 6.50 3.26
C GLU B 218 27.31 7.67 4.23
N PRO B 219 27.99 7.44 5.39
CA PRO B 219 28.22 8.45 6.43
C PRO B 219 27.89 9.92 6.13
#